data_3C9T
#
_entry.id   3C9T
#
_cell.length_a   60.750
_cell.length_b   66.843
_cell.length_c   196.860
_cell.angle_alpha   90.000
_cell.angle_beta   90.000
_cell.angle_gamma   90.000
#
_symmetry.space_group_name_H-M   'P 21 21 21'
#
loop_
_entity.id
_entity.type
_entity.pdbx_description
1 polymer 'Thiamine monophosphate kinase'
2 non-polymer 'MAGNESIUM ION'
3 non-polymer 'THIAMIN PHOSPHATE'
4 non-polymer 'PHOSPHOMETHYLPHOSPHONIC ACID ADENYLATE ESTER'
5 water water
#
_entity_poly.entity_id   1
_entity_poly.type   'polypeptide(L)'
_entity_poly.pdbx_seq_one_letter_code
;MGSHHHHHHDITSLYKKAGSAAAVLEENLYFQGSFTMRLKELGEFGLIDLIKKTLESKVIGDDTAPVEYCSKKLLLTTDV
LNEGVHFLRSYIPEAVGWKAISVNVSDVIANGGLPKWALISLNLPEDLEVSYVERFYIGVKRACEFYKCEVVGGNISKSE
KIGISVFLVGETERFVGRDGARLGDSVFVSGTLGDSRAGLELLLMEKEEYEPFELALIQRHLRPTARIDYVKHIQKYANA
SMDISDGLVADANHLAQRSGVKIEILSEKLPLSNELKMYCEKYGKNPIEYALFGGEDYQLLFTHPKERWNPFLDMTEIGR
VEEGEGVFVDGKKVEPKGWKHF
;
_entity_poly.pdbx_strand_id   A,B
#
# COMPACT_ATOMS: atom_id res chain seq x y z
N THR A 36 -17.23 -12.34 -23.15
CA THR A 36 -16.11 -12.39 -22.16
C THR A 36 -16.38 -11.49 -20.93
N MET A 37 -16.34 -12.07 -19.74
CA MET A 37 -16.62 -11.35 -18.49
C MET A 37 -15.62 -10.32 -17.98
N ARG A 38 -16.09 -9.09 -17.77
CA ARG A 38 -15.28 -8.00 -17.27
C ARG A 38 -15.58 -7.69 -15.80
N LEU A 39 -14.73 -6.88 -15.18
CA LEU A 39 -14.88 -6.50 -13.78
C LEU A 39 -16.18 -5.75 -13.52
N LYS A 40 -16.60 -4.91 -14.46
CA LYS A 40 -17.83 -4.15 -14.30
C LYS A 40 -19.06 -5.05 -14.21
N GLU A 41 -19.01 -6.22 -14.83
CA GLU A 41 -20.16 -7.14 -14.80
C GLU A 41 -20.15 -7.98 -13.52
N LEU A 42 -18.96 -8.19 -12.95
CA LEU A 42 -18.83 -9.00 -11.73
C LEU A 42 -19.32 -8.26 -10.51
N GLY A 43 -18.99 -6.98 -10.45
CA GLY A 43 -19.40 -6.17 -9.32
C GLY A 43 -18.33 -6.14 -8.26
N GLU A 44 -18.45 -5.18 -7.35
CA GLU A 44 -17.48 -5.05 -6.28
C GLU A 44 -17.58 -6.23 -5.30
N PHE A 45 -18.78 -6.57 -4.85
CA PHE A 45 -18.91 -7.70 -3.93
C PHE A 45 -18.39 -8.97 -4.58
N GLY A 46 -18.70 -9.15 -5.86
CA GLY A 46 -18.25 -10.33 -6.58
C GLY A 46 -16.74 -10.43 -6.64
N LEU A 47 -16.08 -9.29 -6.84
CA LEU A 47 -14.64 -9.25 -6.92
C LEU A 47 -14.01 -9.60 -5.56
N ILE A 48 -14.60 -9.11 -4.47
CA ILE A 48 -14.09 -9.43 -3.15
C ILE A 48 -14.29 -10.91 -2.88
N ASP A 49 -15.49 -11.37 -3.17
CA ASP A 49 -15.84 -12.77 -2.98
C ASP A 49 -14.82 -13.67 -3.69
N LEU A 50 -14.58 -13.38 -4.98
CA LEU A 50 -13.63 -14.13 -5.79
C LEU A 50 -12.22 -14.14 -5.20
N ILE A 51 -11.77 -12.98 -4.73
CA ILE A 51 -10.44 -12.85 -4.14
C ILE A 51 -10.35 -13.64 -2.84
N LYS A 52 -11.41 -13.58 -2.05
CA LYS A 52 -11.43 -14.31 -0.80
C LYS A 52 -11.34 -15.80 -1.10
N LYS A 53 -12.19 -16.28 -2.00
CA LYS A 53 -12.18 -17.71 -2.35
C LYS A 53 -10.86 -18.17 -2.96
N THR A 54 -10.32 -17.38 -3.88
CA THR A 54 -9.07 -17.72 -4.52
C THR A 54 -7.91 -17.76 -3.55
N LEU A 55 -8.00 -16.94 -2.52
CA LEU A 55 -6.94 -16.87 -1.52
C LEU A 55 -7.29 -17.80 -0.36
N GLU A 56 -8.48 -18.41 -0.43
CA GLU A 56 -8.97 -19.31 0.62
C GLU A 56 -8.70 -18.65 1.98
N SER A 57 -9.10 -17.39 2.10
CA SER A 57 -8.87 -16.61 3.30
C SER A 57 -9.98 -16.65 4.33
N LYS A 58 -9.58 -16.49 5.58
CA LYS A 58 -10.52 -16.47 6.69
C LYS A 58 -10.58 -15.07 7.28
N VAL A 59 -9.46 -14.37 7.28
CA VAL A 59 -9.39 -13.02 7.81
C VAL A 59 -10.19 -12.00 7.01
N ILE A 60 -10.08 -12.03 5.70
CA ILE A 60 -10.80 -11.06 4.87
C ILE A 60 -12.29 -11.01 5.21
N GLY A 61 -12.81 -9.80 5.38
CA GLY A 61 -14.22 -9.65 5.70
C GLY A 61 -14.66 -8.33 6.32
N ASP A 62 -13.77 -7.67 7.06
CA ASP A 62 -14.15 -6.39 7.65
C ASP A 62 -13.01 -5.39 7.78
N ASP A 63 -13.39 -4.11 7.78
CA ASP A 63 -12.51 -2.93 7.87
C ASP A 63 -11.01 -3.15 8.06
N THR A 64 -10.65 -3.97 9.03
CA THR A 64 -9.24 -4.20 9.32
C THR A 64 -8.87 -5.68 9.24
N ALA A 65 -7.57 -5.96 9.25
CA ALA A 65 -7.12 -7.33 9.21
C ALA A 65 -6.51 -7.64 10.56
N PRO A 66 -7.26 -8.35 11.42
CA PRO A 66 -6.80 -8.72 12.76
C PRO A 66 -5.71 -9.75 12.71
N VAL A 67 -4.55 -9.41 13.26
CA VAL A 67 -3.41 -10.30 13.27
C VAL A 67 -2.89 -10.50 14.69
N GLU A 68 -2.71 -11.76 15.08
CA GLU A 68 -2.22 -12.08 16.41
C GLU A 68 -0.72 -11.91 16.52
N TYR A 69 -0.27 -11.05 17.40
CA TYR A 69 1.16 -10.88 17.56
C TYR A 69 1.60 -10.47 18.96
N CYS A 70 2.02 -11.45 19.74
CA CYS A 70 2.50 -11.20 21.09
C CYS A 70 1.42 -10.60 22.00
N SER A 71 0.52 -11.47 22.47
CA SER A 71 -0.58 -11.10 23.36
C SER A 71 -1.68 -10.33 22.65
N LYS A 72 -1.40 -9.08 22.29
CA LYS A 72 -2.37 -8.24 21.60
C LYS A 72 -2.44 -8.48 20.10
N LYS A 73 -3.41 -7.85 19.45
CA LYS A 73 -3.60 -7.99 18.02
C LYS A 73 -3.20 -6.72 17.29
N LEU A 74 -2.60 -6.87 16.11
CA LEU A 74 -2.23 -5.75 15.28
C LEU A 74 -3.33 -5.65 14.25
N LEU A 75 -3.60 -4.43 13.77
CA LEU A 75 -4.64 -4.24 12.79
C LEU A 75 -4.02 -3.72 11.48
N LEU A 76 -4.25 -4.45 10.40
CA LEU A 76 -3.71 -4.07 9.10
C LEU A 76 -4.79 -3.62 8.13
N THR A 77 -4.55 -2.49 7.49
CA THR A 77 -5.53 -1.95 6.55
C THR A 77 -4.88 -1.00 5.55
N THR A 78 -5.53 -0.85 4.40
CA THR A 78 -5.02 0.03 3.36
C THR A 78 -6.20 0.68 2.65
N ASP A 79 -6.00 1.91 2.17
CA ASP A 79 -7.03 2.65 1.45
C ASP A 79 -6.30 3.45 0.36
N VAL A 80 -6.97 3.69 -0.77
CA VAL A 80 -6.35 4.45 -1.85
C VAL A 80 -7.15 5.66 -2.30
N LEU A 81 -6.43 6.71 -2.70
CA LEU A 81 -7.05 7.93 -3.23
C LEU A 81 -6.48 8.07 -4.65
N ASN A 82 -7.36 8.05 -5.64
CA ASN A 82 -6.92 8.18 -7.03
C ASN A 82 -7.42 9.47 -7.67
N GLU A 83 -6.57 10.08 -8.49
CA GLU A 83 -6.95 11.31 -9.16
C GLU A 83 -8.15 11.06 -10.06
N GLY A 84 -9.13 11.95 -9.98
CA GLY A 84 -10.33 11.82 -10.79
C GLY A 84 -11.31 10.82 -10.21
N VAL A 85 -10.91 10.13 -9.15
CA VAL A 85 -11.78 9.15 -8.52
C VAL A 85 -12.10 9.50 -7.07
N HIS A 86 -11.12 10.04 -6.37
CA HIS A 86 -11.31 10.41 -4.98
C HIS A 86 -11.07 11.88 -4.74
N PHE A 87 -10.38 12.51 -5.68
CA PHE A 87 -10.05 13.93 -5.57
C PHE A 87 -9.61 14.44 -6.95
N LEU A 88 -9.31 15.73 -7.04
CA LEU A 88 -8.86 16.34 -8.30
C LEU A 88 -7.54 17.03 -7.99
N ARG A 89 -6.72 17.23 -9.02
CA ARG A 89 -5.42 17.87 -8.79
C ARG A 89 -5.57 19.30 -8.30
N SER A 90 -6.71 19.92 -8.60
CA SER A 90 -6.95 21.29 -8.18
C SER A 90 -7.17 21.43 -6.67
N TYR A 91 -7.69 20.39 -6.02
CA TYR A 91 -7.92 20.45 -4.58
C TYR A 91 -6.63 20.86 -3.85
N ILE A 92 -6.78 21.59 -2.75
CA ILE A 92 -5.64 22.02 -1.93
C ILE A 92 -4.89 20.75 -1.50
N PRO A 93 -3.61 20.60 -1.90
CA PRO A 93 -2.82 19.42 -1.55
C PRO A 93 -2.71 19.01 -0.07
N GLU A 94 -2.65 19.97 0.84
CA GLU A 94 -2.57 19.58 2.24
C GLU A 94 -3.85 18.85 2.70
N ALA A 95 -4.99 19.26 2.18
CA ALA A 95 -6.25 18.62 2.56
C ALA A 95 -6.25 17.16 2.12
N VAL A 96 -5.70 16.91 0.94
CA VAL A 96 -5.62 15.56 0.38
C VAL A 96 -4.67 14.69 1.20
N GLY A 97 -3.57 15.28 1.67
CA GLY A 97 -2.62 14.55 2.48
C GLY A 97 -3.34 14.14 3.76
N TRP A 98 -4.02 15.10 4.36
CA TRP A 98 -4.76 14.84 5.58
C TRP A 98 -5.74 13.70 5.38
N LYS A 99 -6.58 13.82 4.35
CA LYS A 99 -7.59 12.81 4.04
C LYS A 99 -6.96 11.44 3.84
N ALA A 100 -5.82 11.39 3.16
CA ALA A 100 -5.15 10.13 2.92
C ALA A 100 -4.95 9.40 4.25
N ILE A 101 -4.47 10.12 5.25
CA ILE A 101 -4.24 9.51 6.55
C ILE A 101 -5.55 9.25 7.29
N SER A 102 -6.44 10.24 7.32
CA SER A 102 -7.72 10.08 8.01
C SER A 102 -8.54 8.87 7.58
N VAL A 103 -8.78 8.77 6.27
CA VAL A 103 -9.58 7.69 5.70
C VAL A 103 -9.12 6.33 6.17
N ASN A 104 -7.81 6.18 6.33
CA ASN A 104 -7.23 4.91 6.73
C ASN A 104 -7.26 4.70 8.24
N VAL A 105 -7.16 5.80 9.00
CA VAL A 105 -7.21 5.72 10.45
C VAL A 105 -8.66 5.33 10.80
N SER A 106 -9.58 5.86 10.00
CA SER A 106 -10.99 5.59 10.19
C SER A 106 -11.28 4.09 10.25
N ASP A 107 -10.58 3.30 9.44
CA ASP A 107 -10.78 1.85 9.41
C ASP A 107 -10.18 1.20 10.66
N VAL A 108 -9.06 1.74 11.15
CA VAL A 108 -8.41 1.20 12.33
C VAL A 108 -9.31 1.43 13.54
N ILE A 109 -9.73 2.68 13.70
CA ILE A 109 -10.61 3.09 14.79
C ILE A 109 -11.87 2.26 14.74
N ALA A 110 -12.39 2.11 13.52
CA ALA A 110 -13.63 1.36 13.29
C ALA A 110 -13.59 -0.06 13.84
N ASN A 111 -12.41 -0.56 14.14
CA ASN A 111 -12.28 -1.92 14.67
C ASN A 111 -11.63 -1.89 16.06
N GLY A 112 -11.76 -0.74 16.73
CA GLY A 112 -11.22 -0.59 18.07
C GLY A 112 -9.71 -0.52 18.21
N GLY A 113 -9.02 -0.11 17.16
CA GLY A 113 -7.58 0.00 17.25
C GLY A 113 -7.09 1.44 17.20
N LEU A 114 -5.81 1.61 17.51
CA LEU A 114 -5.17 2.92 17.49
C LEU A 114 -4.08 2.93 16.42
N PRO A 115 -3.95 4.04 15.67
CA PRO A 115 -2.95 4.18 14.61
C PRO A 115 -1.52 4.13 15.15
N LYS A 116 -0.64 3.40 14.47
CA LYS A 116 0.75 3.32 14.89
C LYS A 116 1.79 3.61 13.79
N TRP A 117 1.79 2.82 12.73
CA TRP A 117 2.75 3.05 11.65
C TRP A 117 2.07 3.06 10.29
N ALA A 118 2.49 3.98 9.44
CA ALA A 118 1.92 4.12 8.10
C ALA A 118 2.99 4.18 7.03
N LEU A 119 2.69 3.59 5.88
CA LEU A 119 3.60 3.63 4.74
C LEU A 119 2.77 4.23 3.62
N ILE A 120 3.42 5.00 2.75
CA ILE A 120 2.73 5.64 1.65
C ILE A 120 3.33 5.28 0.30
N SER A 121 2.47 4.75 -0.56
CA SER A 121 2.88 4.37 -1.90
C SER A 121 2.25 5.44 -2.78
N LEU A 122 3.11 6.16 -3.52
CA LEU A 122 2.65 7.24 -4.39
C LEU A 122 2.96 7.02 -5.87
N ASN A 123 1.98 7.33 -6.71
CA ASN A 123 2.15 7.25 -8.15
C ASN A 123 2.10 8.73 -8.56
N LEU A 124 3.18 9.24 -9.13
CA LEU A 124 3.26 10.65 -9.49
C LEU A 124 3.66 10.93 -10.93
N PRO A 125 2.97 11.89 -11.59
CA PRO A 125 3.26 12.26 -12.98
C PRO A 125 4.55 13.07 -12.92
N GLU A 126 5.44 12.92 -13.91
CA GLU A 126 6.68 13.69 -13.90
C GLU A 126 6.50 15.22 -13.89
N ASP A 127 5.33 15.69 -14.34
CA ASP A 127 5.07 17.12 -14.38
C ASP A 127 4.46 17.68 -13.11
N LEU A 128 4.10 16.83 -12.16
CA LEU A 128 3.52 17.32 -10.91
C LEU A 128 4.53 18.27 -10.26
N GLU A 129 4.07 19.42 -9.79
CA GLU A 129 4.97 20.36 -9.16
C GLU A 129 5.43 19.92 -7.77
N VAL A 130 6.72 20.14 -7.50
CA VAL A 130 7.36 19.79 -6.24
C VAL A 130 6.60 20.33 -5.04
N SER A 131 6.05 21.54 -5.18
CA SER A 131 5.31 22.13 -4.09
C SER A 131 4.07 21.27 -3.75
N TYR A 132 3.53 20.57 -4.73
CA TYR A 132 2.36 19.73 -4.48
C TYR A 132 2.72 18.59 -3.53
N VAL A 133 3.82 17.92 -3.81
CA VAL A 133 4.26 16.83 -2.96
C VAL A 133 4.66 17.33 -1.57
N GLU A 134 5.25 18.50 -1.50
CA GLU A 134 5.67 19.07 -0.22
C GLU A 134 4.46 19.44 0.66
N ARG A 135 3.47 20.08 0.04
CA ARG A 135 2.27 20.49 0.76
C ARG A 135 1.47 19.27 1.18
N PHE A 136 1.46 18.27 0.30
CA PHE A 136 0.75 17.02 0.58
C PHE A 136 1.36 16.41 1.84
N TYR A 137 2.69 16.34 1.89
CA TYR A 137 3.35 15.76 3.06
C TYR A 137 3.25 16.60 4.31
N ILE A 138 2.75 17.82 4.19
CA ILE A 138 2.59 18.67 5.35
C ILE A 138 1.25 18.31 5.96
N GLY A 139 0.26 18.13 5.10
CA GLY A 139 -1.06 17.73 5.56
C GLY A 139 -0.98 16.34 6.16
N VAL A 140 -0.07 15.52 5.65
CA VAL A 140 0.11 14.18 6.17
C VAL A 140 0.83 14.27 7.51
N LYS A 141 1.88 15.08 7.54
CA LYS A 141 2.68 15.25 8.75
C LYS A 141 1.79 15.59 9.94
N ARG A 142 0.92 16.59 9.78
CA ARG A 142 0.06 17.00 10.86
C ARG A 142 -1.13 16.10 11.12
N ALA A 143 -1.47 15.25 10.15
CA ALA A 143 -2.58 14.34 10.35
C ALA A 143 -2.05 13.28 11.29
N CYS A 144 -0.77 12.95 11.11
CA CYS A 144 -0.13 11.95 11.93
C CYS A 144 0.10 12.47 13.34
N GLU A 145 0.44 13.74 13.47
CA GLU A 145 0.64 14.32 14.79
C GLU A 145 -0.70 14.30 15.54
N PHE A 146 -1.79 14.55 14.83
CA PHE A 146 -3.14 14.56 15.41
C PHE A 146 -3.68 13.18 15.84
N TYR A 147 -3.43 12.17 15.04
CA TYR A 147 -3.89 10.80 15.31
C TYR A 147 -2.85 10.05 16.13
N LYS A 148 -1.61 10.55 16.13
CA LYS A 148 -0.51 9.95 16.87
C LYS A 148 0.10 8.70 16.26
N CYS A 149 0.45 8.79 14.98
CA CYS A 149 1.05 7.69 14.25
C CYS A 149 2.19 8.28 13.43
N GLU A 150 3.19 7.49 13.13
CA GLU A 150 4.32 7.98 12.34
C GLU A 150 4.38 7.30 10.97
N VAL A 151 4.84 8.05 9.98
CA VAL A 151 5.00 7.50 8.64
C VAL A 151 6.47 7.08 8.63
N VAL A 152 6.71 5.79 8.42
CA VAL A 152 8.08 5.27 8.44
C VAL A 152 8.68 4.94 7.08
N GLY A 153 7.90 5.09 6.01
CA GLY A 153 8.42 4.81 4.69
C GLY A 153 7.33 4.71 3.63
N GLY A 154 7.70 4.24 2.45
CA GLY A 154 6.72 4.11 1.39
C GLY A 154 7.36 3.78 0.07
N ASN A 155 6.74 4.23 -1.00
CA ASN A 155 7.23 3.97 -2.33
C ASN A 155 6.92 5.15 -3.29
N ILE A 156 7.52 5.11 -4.47
CA ILE A 156 7.27 6.13 -5.49
C ILE A 156 7.35 5.50 -6.86
N SER A 157 6.69 6.12 -7.82
CA SER A 157 6.67 5.62 -9.19
C SER A 157 6.13 6.67 -10.17
N LYS A 158 6.69 6.70 -11.37
CA LYS A 158 6.18 7.64 -12.35
C LYS A 158 4.78 7.09 -12.64
N SER A 159 3.92 7.90 -13.22
CA SER A 159 2.57 7.46 -13.55
C SER A 159 1.89 8.61 -14.27
N GLU A 160 0.69 8.38 -14.80
CA GLU A 160 -0.02 9.42 -15.54
C GLU A 160 -0.98 10.22 -14.65
N LYS A 161 -1.44 9.60 -13.57
CA LYS A 161 -2.35 10.24 -12.63
C LYS A 161 -1.85 10.04 -11.22
N ILE A 162 -2.13 11.02 -10.34
CA ILE A 162 -1.70 10.92 -8.96
C ILE A 162 -2.47 9.78 -8.31
N GLY A 163 -1.74 8.95 -7.56
CA GLY A 163 -2.34 7.82 -6.88
C GLY A 163 -1.72 7.73 -5.50
N ILE A 164 -2.56 7.66 -4.48
CA ILE A 164 -2.08 7.60 -3.12
C ILE A 164 -2.60 6.38 -2.38
N SER A 165 -1.71 5.42 -2.20
CA SER A 165 -2.07 4.19 -1.52
C SER A 165 -1.41 4.23 -0.15
N VAL A 166 -2.23 4.22 0.90
CA VAL A 166 -1.72 4.25 2.27
C VAL A 166 -1.90 2.91 2.97
N PHE A 167 -0.87 2.53 3.72
CA PHE A 167 -0.86 1.29 4.49
C PHE A 167 -0.68 1.70 5.93
N LEU A 168 -1.62 1.25 6.75
CA LEU A 168 -1.60 1.60 8.15
C LEU A 168 -1.63 0.38 9.06
N VAL A 169 -0.75 0.39 10.06
CA VAL A 169 -0.68 -0.68 11.04
C VAL A 169 -1.03 -0.07 12.39
N GLY A 170 -2.11 -0.58 13.00
CA GLY A 170 -2.55 -0.09 14.30
C GLY A 170 -2.61 -1.24 15.28
N GLU A 171 -2.83 -0.94 16.56
CA GLU A 171 -2.90 -1.99 17.57
C GLU A 171 -4.07 -1.82 18.52
N THR A 172 -4.61 -2.95 18.98
CA THR A 172 -5.74 -2.93 19.89
C THR A 172 -5.61 -4.07 20.90
N GLU A 173 -6.32 -3.97 22.00
CA GLU A 173 -6.30 -5.00 23.04
C GLU A 173 -7.50 -5.89 22.83
N ARG A 174 -8.41 -5.44 21.97
CA ARG A 174 -9.61 -6.19 21.68
C ARG A 174 -10.16 -5.80 20.31
N PHE A 175 -9.97 -6.68 19.32
CA PHE A 175 -10.44 -6.46 17.96
C PHE A 175 -11.96 -6.50 17.93
N VAL A 176 -12.58 -5.51 17.28
CA VAL A 176 -14.03 -5.47 17.18
C VAL A 176 -14.47 -5.40 15.72
N GLY A 177 -14.68 -6.56 15.10
CA GLY A 177 -15.09 -6.63 13.71
C GLY A 177 -16.57 -6.33 13.52
N ARG A 178 -17.15 -6.83 12.44
CA ARG A 178 -18.57 -6.57 12.16
C ARG A 178 -19.48 -7.79 12.12
N ASP A 179 -19.10 -8.85 12.85
CA ASP A 179 -19.87 -10.08 12.87
C ASP A 179 -20.47 -10.42 14.24
N GLY A 180 -20.13 -9.64 15.26
CA GLY A 180 -20.62 -9.91 16.59
C GLY A 180 -21.79 -9.10 17.13
N ALA A 181 -22.69 -8.65 16.26
CA ALA A 181 -23.85 -7.90 16.71
C ALA A 181 -24.84 -8.86 17.32
N ARG A 182 -25.28 -8.57 18.54
CA ARG A 182 -26.24 -9.40 19.27
C ARG A 182 -27.68 -8.92 19.09
N LEU A 183 -28.63 -9.86 19.04
CA LEU A 183 -30.04 -9.49 18.90
C LEU A 183 -30.34 -8.54 20.07
N GLY A 184 -31.17 -7.53 19.83
CA GLY A 184 -31.48 -6.61 20.91
C GLY A 184 -30.49 -5.46 21.03
N ASP A 185 -29.38 -5.53 20.29
CA ASP A 185 -28.38 -4.46 20.31
C ASP A 185 -28.98 -3.22 19.66
N SER A 186 -28.48 -2.06 20.03
CA SER A 186 -28.95 -0.81 19.42
C SER A 186 -27.95 -0.42 18.34
N VAL A 187 -28.44 0.22 17.28
CA VAL A 187 -27.57 0.63 16.17
C VAL A 187 -27.21 2.11 16.29
N PHE A 188 -25.90 2.38 16.36
CA PHE A 188 -25.42 3.76 16.48
C PHE A 188 -24.46 4.21 15.39
N VAL A 189 -24.48 5.52 15.15
CA VAL A 189 -23.57 6.18 14.20
C VAL A 189 -23.09 7.40 14.96
N SER A 190 -21.94 7.93 14.57
CA SER A 190 -21.41 9.12 15.22
C SER A 190 -21.65 10.33 14.33
N GLY A 191 -21.40 11.54 14.85
CA GLY A 191 -21.59 12.76 14.09
C GLY A 191 -22.87 12.85 13.27
N THR A 192 -22.76 13.41 12.07
CA THR A 192 -23.90 13.56 11.16
C THR A 192 -23.63 12.87 9.82
N LEU A 193 -24.68 12.67 9.03
CA LEU A 193 -24.51 12.01 7.74
C LEU A 193 -24.95 12.85 6.54
N GLY A 194 -24.39 12.53 5.37
CA GLY A 194 -24.74 13.25 4.16
C GLY A 194 -23.98 14.54 3.89
N ASP A 195 -23.09 14.91 4.80
CA ASP A 195 -22.31 16.13 4.64
C ASP A 195 -21.27 16.06 3.51
N SER A 196 -20.51 14.98 3.47
CA SER A 196 -19.48 14.82 2.46
C SER A 196 -20.01 14.87 1.02
N ARG A 197 -21.13 14.21 0.77
CA ARG A 197 -21.71 14.18 -0.56
C ARG A 197 -22.11 15.58 -1.03
N ALA A 198 -22.61 16.37 -0.10
CA ALA A 198 -23.04 17.72 -0.42
C ALA A 198 -21.82 18.57 -0.68
N GLY A 199 -20.78 18.35 0.12
CA GLY A 199 -19.55 19.09 -0.05
C GLY A 199 -18.95 18.77 -1.40
N LEU A 200 -19.12 17.52 -1.82
CA LEU A 200 -18.62 17.07 -3.10
C LEU A 200 -19.38 17.80 -4.20
N GLU A 201 -20.70 17.72 -4.16
CA GLU A 201 -21.52 18.37 -5.17
C GLU A 201 -21.23 19.85 -5.27
N LEU A 202 -20.99 20.49 -4.14
CA LEU A 202 -20.68 21.91 -4.15
C LEU A 202 -19.38 22.17 -4.92
N LEU A 203 -18.39 21.31 -4.69
CA LEU A 203 -17.10 21.41 -5.37
C LEU A 203 -17.26 21.25 -6.88
N LEU A 204 -18.12 20.33 -7.28
CA LEU A 204 -18.36 20.05 -8.69
C LEU A 204 -19.13 21.18 -9.39
N MET A 205 -19.70 22.08 -8.61
CA MET A 205 -20.45 23.21 -9.19
C MET A 205 -19.49 24.28 -9.67
N GLU A 206 -18.32 24.34 -9.06
CA GLU A 206 -17.28 25.31 -9.43
C GLU A 206 -17.78 26.74 -9.36
N LYS A 207 -18.54 27.06 -8.32
CA LYS A 207 -19.08 28.40 -8.17
C LYS A 207 -17.96 29.43 -7.99
N GLU A 208 -18.30 30.69 -8.20
CA GLU A 208 -17.35 31.78 -8.05
C GLU A 208 -16.92 31.74 -6.59
N GLU A 209 -17.90 31.86 -5.70
CA GLU A 209 -17.66 31.79 -4.27
C GLU A 209 -18.82 31.11 -3.55
N TYR A 210 -18.52 30.53 -2.40
CA TYR A 210 -19.53 29.81 -1.64
C TYR A 210 -20.00 30.52 -0.39
N GLU A 211 -21.12 30.04 0.15
CA GLU A 211 -21.65 30.58 1.38
C GLU A 211 -20.88 29.96 2.54
N PRO A 212 -20.97 30.57 3.74
CA PRO A 212 -20.28 30.04 4.92
C PRO A 212 -20.60 28.57 5.15
N PHE A 213 -21.85 28.17 4.91
CA PHE A 213 -22.27 26.80 5.12
C PHE A 213 -21.81 25.87 4.02
N GLU A 214 -21.63 26.42 2.81
CA GLU A 214 -21.18 25.58 1.71
C GLU A 214 -19.67 25.30 1.90
N LEU A 215 -18.97 26.25 2.49
CA LEU A 215 -17.56 26.03 2.74
C LEU A 215 -17.40 24.97 3.83
N ALA A 216 -18.33 24.95 4.79
CA ALA A 216 -18.31 23.98 5.88
C ALA A 216 -18.47 22.56 5.35
N LEU A 217 -19.40 22.40 4.41
CA LEU A 217 -19.68 21.11 3.80
C LEU A 217 -18.54 20.68 2.88
N ILE A 218 -18.02 21.63 2.12
CA ILE A 218 -16.91 21.32 1.22
C ILE A 218 -15.72 20.89 2.05
N GLN A 219 -15.59 21.48 3.22
CA GLN A 219 -14.48 21.15 4.09
C GLN A 219 -14.60 19.75 4.65
N ARG A 220 -15.81 19.38 5.06
CA ARG A 220 -16.04 18.05 5.62
C ARG A 220 -15.83 16.99 4.58
N HIS A 221 -15.84 17.37 3.32
CA HIS A 221 -15.60 16.38 2.27
C HIS A 221 -14.11 16.33 1.91
N LEU A 222 -13.46 17.49 1.93
CA LEU A 222 -12.04 17.56 1.59
C LEU A 222 -11.17 17.07 2.74
N ARG A 223 -11.60 17.37 3.96
CA ARG A 223 -10.85 17.01 5.16
C ARG A 223 -11.56 16.13 6.19
N PRO A 224 -11.99 14.92 5.81
CA PRO A 224 -12.65 14.09 6.82
C PRO A 224 -11.78 13.94 8.08
N THR A 225 -12.43 13.68 9.21
CA THR A 225 -11.72 13.51 10.47
C THR A 225 -12.06 12.16 11.06
N ALA A 226 -11.11 11.24 11.07
CA ALA A 226 -11.34 9.92 11.63
C ALA A 226 -11.78 10.12 13.08
N ARG A 227 -12.70 9.28 13.55
CA ARG A 227 -13.21 9.40 14.91
C ARG A 227 -12.36 8.67 15.94
N ILE A 228 -11.09 9.07 16.07
CA ILE A 228 -10.17 8.44 17.01
C ILE A 228 -10.65 8.66 18.44
N ASP A 229 -11.59 9.58 18.61
CA ASP A 229 -12.16 9.91 19.91
C ASP A 229 -13.23 8.90 20.37
N TYR A 230 -13.45 7.86 19.57
CA TYR A 230 -14.44 6.81 19.90
C TYR A 230 -13.72 5.49 20.16
N VAL A 231 -12.42 5.47 19.89
CA VAL A 231 -11.65 4.25 20.07
C VAL A 231 -11.99 3.48 21.33
N LYS A 232 -11.95 4.17 22.47
CA LYS A 232 -12.23 3.53 23.74
C LYS A 232 -13.65 3.00 23.87
N HIS A 233 -14.61 3.74 23.33
CA HIS A 233 -15.99 3.30 23.41
C HIS A 233 -16.21 2.01 22.59
N ILE A 234 -15.56 1.93 21.43
CA ILE A 234 -15.70 0.75 20.60
C ILE A 234 -15.01 -0.43 21.28
N GLN A 235 -13.75 -0.20 21.63
CA GLN A 235 -12.91 -1.20 22.28
C GLN A 235 -13.56 -1.88 23.49
N LYS A 236 -14.36 -1.15 24.26
CA LYS A 236 -15.01 -1.73 25.42
C LYS A 236 -16.44 -2.18 25.22
N TYR A 237 -17.31 -1.26 24.78
CA TYR A 237 -18.74 -1.55 24.66
C TYR A 237 -19.40 -1.91 23.32
N ALA A 238 -18.69 -1.87 22.22
CA ALA A 238 -19.34 -2.20 20.95
C ALA A 238 -19.25 -3.68 20.63
N ASN A 239 -20.35 -4.25 20.14
CA ASN A 239 -20.37 -5.66 19.77
C ASN A 239 -19.87 -5.82 18.33
N ALA A 240 -20.32 -4.90 17.47
CA ALA A 240 -19.92 -4.91 16.07
C ALA A 240 -19.61 -3.46 15.72
N SER A 241 -18.77 -3.24 14.72
CA SER A 241 -18.43 -1.87 14.35
C SER A 241 -17.74 -1.74 13.00
N MET A 242 -17.85 -0.55 12.41
CA MET A 242 -17.26 -0.26 11.10
C MET A 242 -17.47 1.23 10.78
N ASP A 243 -16.77 1.73 9.76
CA ASP A 243 -16.97 3.12 9.38
C ASP A 243 -17.83 3.21 8.12
N ILE A 244 -18.52 4.33 8.00
CA ILE A 244 -19.43 4.57 6.89
C ILE A 244 -18.69 5.30 5.76
N SER A 245 -18.00 4.53 4.93
CA SER A 245 -17.23 5.07 3.83
C SER A 245 -17.98 5.21 2.51
N ASP A 246 -18.85 4.25 2.22
CA ASP A 246 -19.60 4.26 0.98
C ASP A 246 -21.04 4.72 1.13
N GLY A 247 -21.53 4.76 2.36
CA GLY A 247 -22.91 5.18 2.59
C GLY A 247 -23.55 4.25 3.60
N LEU A 248 -24.40 4.81 4.46
CA LEU A 248 -25.06 4.05 5.50
C LEU A 248 -25.73 2.77 5.05
N VAL A 249 -26.79 2.90 4.26
CA VAL A 249 -27.52 1.71 3.81
C VAL A 249 -26.59 0.65 3.24
N ALA A 250 -25.68 1.05 2.36
CA ALA A 250 -24.75 0.10 1.74
C ALA A 250 -23.80 -0.54 2.74
N ASP A 251 -23.30 0.24 3.69
CA ASP A 251 -22.39 -0.34 4.66
C ASP A 251 -23.09 -1.12 5.75
N ALA A 252 -24.37 -0.82 5.97
CA ALA A 252 -25.13 -1.54 6.98
C ALA A 252 -25.25 -3.02 6.57
N ASN A 253 -25.34 -3.26 5.26
CA ASN A 253 -25.43 -4.62 4.74
C ASN A 253 -24.23 -5.44 5.15
N HIS A 254 -23.04 -4.89 4.93
CA HIS A 254 -21.82 -5.60 5.29
C HIS A 254 -22.02 -6.14 6.70
N LEU A 255 -22.51 -5.28 7.59
CA LEU A 255 -22.74 -5.62 8.99
C LEU A 255 -23.86 -6.65 9.11
N ALA A 256 -24.98 -6.37 8.44
CA ALA A 256 -26.11 -7.28 8.47
C ALA A 256 -25.65 -8.66 8.03
N GLN A 257 -25.05 -8.71 6.85
CA GLN A 257 -24.57 -9.96 6.27
C GLN A 257 -23.48 -10.62 7.12
N ARG A 258 -22.56 -9.81 7.63
CA ARG A 258 -21.45 -10.30 8.44
C ARG A 258 -21.88 -10.87 9.82
N SER A 259 -22.86 -10.23 10.48
CA SER A 259 -23.34 -10.71 11.79
C SER A 259 -24.50 -11.70 11.66
N GLY A 260 -25.04 -11.82 10.46
CA GLY A 260 -26.15 -12.74 10.23
C GLY A 260 -27.44 -12.26 10.84
N VAL A 261 -27.56 -10.94 11.00
CA VAL A 261 -28.74 -10.36 11.57
C VAL A 261 -29.46 -9.46 10.57
N LYS A 262 -30.48 -8.78 11.06
CA LYS A 262 -31.27 -7.87 10.26
C LYS A 262 -31.17 -6.54 10.96
N ILE A 263 -30.86 -5.49 10.21
CA ILE A 263 -30.72 -4.15 10.75
C ILE A 263 -31.92 -3.29 10.36
N GLU A 264 -32.64 -2.79 11.37
CA GLU A 264 -33.82 -1.94 11.14
C GLU A 264 -33.45 -0.51 11.44
N ILE A 265 -33.55 0.36 10.43
CA ILE A 265 -33.22 1.78 10.57
C ILE A 265 -34.44 2.68 10.46
N LEU A 266 -34.45 3.76 11.23
CA LEU A 266 -35.54 4.73 11.21
C LEU A 266 -34.98 6.04 10.69
N SER A 267 -35.45 6.48 9.53
CA SER A 267 -34.96 7.71 8.91
C SER A 267 -35.08 8.95 9.77
N GLU A 268 -36.20 9.11 10.47
CA GLU A 268 -36.41 10.28 11.30
C GLU A 268 -35.41 10.38 12.45
N LYS A 269 -34.62 9.33 12.65
CA LYS A 269 -33.62 9.34 13.71
C LYS A 269 -32.21 9.66 13.20
N LEU A 270 -32.04 9.61 11.88
CA LEU A 270 -30.75 9.91 11.26
C LEU A 270 -30.33 11.35 11.57
N PRO A 271 -29.09 11.54 12.04
CA PRO A 271 -28.56 12.86 12.37
C PRO A 271 -28.14 13.73 11.17
N LEU A 272 -28.85 14.85 10.99
CA LEU A 272 -28.55 15.77 9.90
C LEU A 272 -27.95 17.07 10.41
N SER A 273 -26.80 17.45 9.89
CA SER A 273 -26.17 18.69 10.31
C SER A 273 -27.02 19.88 9.84
N ASN A 274 -26.77 21.05 10.42
CA ASN A 274 -27.50 22.24 10.02
C ASN A 274 -27.10 22.68 8.61
N GLU A 275 -25.80 22.60 8.31
CA GLU A 275 -25.30 23.02 7.00
C GLU A 275 -25.92 22.19 5.87
N LEU A 276 -26.20 20.93 6.17
CA LEU A 276 -26.81 20.03 5.19
C LEU A 276 -28.24 20.46 4.94
N LYS A 277 -28.99 20.68 6.02
CA LYS A 277 -30.38 21.10 5.90
C LYS A 277 -30.43 22.38 5.07
N MET A 278 -29.51 23.30 5.35
CA MET A 278 -29.44 24.57 4.63
C MET A 278 -29.15 24.35 3.15
N TYR A 279 -28.28 23.38 2.87
CA TYR A 279 -27.93 23.06 1.51
C TYR A 279 -29.12 22.39 0.83
N CYS A 280 -29.75 21.45 1.52
CA CYS A 280 -30.89 20.75 0.95
C CYS A 280 -32.02 21.72 0.67
N GLU A 281 -32.20 22.68 1.57
CA GLU A 281 -33.25 23.65 1.41
C GLU A 281 -32.97 24.48 0.15
N LYS A 282 -31.74 24.93 0.00
CA LYS A 282 -31.33 25.76 -1.13
C LYS A 282 -31.25 25.11 -2.51
N TYR A 283 -31.20 23.79 -2.59
CA TYR A 283 -31.12 23.16 -3.89
C TYR A 283 -32.28 22.19 -4.07
N GLY A 284 -33.22 22.24 -3.13
CA GLY A 284 -34.39 21.40 -3.19
C GLY A 284 -34.03 19.94 -3.19
N LYS A 285 -33.32 19.53 -2.15
CA LYS A 285 -32.89 18.14 -2.00
C LYS A 285 -33.36 17.63 -0.65
N ASN A 286 -33.60 16.33 -0.56
CA ASN A 286 -34.06 15.75 0.69
C ASN A 286 -32.86 15.28 1.53
N PRO A 287 -32.73 15.82 2.74
CA PRO A 287 -31.65 15.49 3.67
C PRO A 287 -31.52 14.00 4.00
N ILE A 288 -32.67 13.31 4.00
CA ILE A 288 -32.69 11.90 4.31
C ILE A 288 -31.98 11.07 3.23
N GLU A 289 -32.14 11.51 1.99
CA GLU A 289 -31.52 10.82 0.86
C GLU A 289 -30.00 10.91 1.01
N TYR A 290 -29.53 12.05 1.47
CA TYR A 290 -28.10 12.26 1.66
C TYR A 290 -27.58 11.48 2.85
N ALA A 291 -28.42 11.35 3.87
CA ALA A 291 -28.02 10.63 5.08
C ALA A 291 -27.88 9.14 4.83
N LEU A 292 -28.78 8.56 4.05
CA LEU A 292 -28.76 7.13 3.76
C LEU A 292 -27.79 6.72 2.66
N PHE A 293 -27.62 7.58 1.67
CA PHE A 293 -26.74 7.25 0.55
C PHE A 293 -25.49 8.11 0.39
N GLY A 294 -25.38 9.20 1.13
CA GLY A 294 -24.18 10.02 1.02
C GLY A 294 -22.95 9.24 1.45
N GLY A 295 -21.87 9.32 0.68
CA GLY A 295 -20.67 8.60 1.04
C GLY A 295 -19.61 9.45 1.68
N GLU A 296 -18.47 8.81 1.96
CA GLU A 296 -17.32 9.47 2.55
C GLU A 296 -17.52 10.38 3.76
N ASP A 297 -18.41 10.02 4.68
CA ASP A 297 -18.60 10.86 5.88
C ASP A 297 -17.63 10.38 6.95
N TYR A 298 -17.22 9.14 6.84
CA TYR A 298 -16.30 8.51 7.77
C TYR A 298 -16.71 8.61 9.23
N GLN A 299 -17.97 8.29 9.45
CA GLN A 299 -18.54 8.25 10.78
C GLN A 299 -18.56 6.76 11.10
N LEU A 300 -18.89 6.39 12.32
CA LEU A 300 -18.92 4.99 12.68
C LEU A 300 -20.33 4.45 12.71
N LEU A 301 -20.43 3.14 12.50
CA LEU A 301 -21.70 2.43 12.55
C LEU A 301 -21.35 1.24 13.43
N PHE A 302 -21.94 1.19 14.62
CA PHE A 302 -21.65 0.12 15.57
C PHE A 302 -22.88 -0.22 16.41
N THR A 303 -22.92 -1.44 16.92
CA THR A 303 -24.04 -1.88 17.73
C THR A 303 -23.64 -2.31 19.13
N HIS A 304 -24.59 -2.18 20.04
CA HIS A 304 -24.44 -2.58 21.43
C HIS A 304 -25.70 -2.23 22.23
N PRO A 305 -25.88 -2.81 23.44
CA PRO A 305 -27.07 -2.52 24.25
C PRO A 305 -27.27 -1.01 24.43
N LYS A 306 -28.49 -0.54 24.19
CA LYS A 306 -28.79 0.87 24.33
C LYS A 306 -28.22 1.50 25.59
N GLU A 307 -28.35 0.81 26.72
CA GLU A 307 -27.84 1.31 28.00
C GLU A 307 -26.36 1.66 28.00
N ARG A 308 -25.60 1.02 27.11
CA ARG A 308 -24.16 1.26 27.00
C ARG A 308 -23.85 2.61 26.34
N TRP A 309 -24.89 3.32 25.95
CA TRP A 309 -24.81 4.64 25.30
C TRP A 309 -24.00 5.66 26.08
N ASN A 310 -23.05 6.31 25.42
CA ASN A 310 -22.20 7.33 26.06
C ASN A 310 -22.58 8.73 25.61
N PRO A 311 -23.28 9.48 26.48
CA PRO A 311 -23.74 10.86 26.25
C PRO A 311 -22.67 11.93 26.03
N PHE A 312 -21.41 11.65 26.39
CA PHE A 312 -20.34 12.62 26.20
C PHE A 312 -19.87 12.67 24.74
N LEU A 313 -19.94 11.53 24.07
CA LEU A 313 -19.59 11.43 22.66
C LEU A 313 -20.89 11.79 21.96
N ASP A 314 -20.82 12.11 20.66
CA ASP A 314 -22.01 12.48 19.89
C ASP A 314 -22.63 11.33 19.10
N MET A 315 -23.00 10.27 19.78
CA MET A 315 -23.61 9.14 19.09
C MET A 315 -25.12 9.30 19.05
N THR A 316 -25.74 8.64 18.07
CA THR A 316 -27.19 8.70 17.88
C THR A 316 -27.75 7.32 17.52
N GLU A 317 -28.76 6.87 18.27
CA GLU A 317 -29.38 5.58 17.98
C GLU A 317 -30.25 5.78 16.75
N ILE A 318 -30.10 4.90 15.77
CA ILE A 318 -30.86 5.02 14.52
C ILE A 318 -31.72 3.81 14.21
N GLY A 319 -31.41 2.69 14.85
CA GLY A 319 -32.19 1.49 14.61
C GLY A 319 -31.84 0.40 15.61
N ARG A 320 -32.42 -0.78 15.42
CA ARG A 320 -32.17 -1.90 16.30
C ARG A 320 -31.88 -3.18 15.55
N VAL A 321 -31.11 -4.07 16.16
CA VAL A 321 -30.75 -5.35 15.56
C VAL A 321 -31.85 -6.39 15.78
N GLU A 322 -32.52 -6.77 14.69
CA GLU A 322 -33.59 -7.76 14.73
C GLU A 322 -33.02 -9.12 14.37
N GLU A 323 -33.87 -10.06 13.96
CA GLU A 323 -33.37 -11.40 13.65
C GLU A 323 -33.31 -11.81 12.18
N GLY A 324 -32.12 -12.25 11.77
CA GLY A 324 -31.87 -12.73 10.42
C GLY A 324 -32.08 -11.93 9.14
N GLU A 325 -31.02 -11.85 8.35
CA GLU A 325 -30.99 -11.20 7.03
C GLU A 325 -31.66 -9.85 6.73
N GLY A 326 -30.95 -9.02 5.96
CA GLY A 326 -31.47 -7.74 5.53
C GLY A 326 -31.20 -6.44 6.29
N VAL A 327 -31.40 -5.34 5.57
CA VAL A 327 -31.25 -3.97 6.09
C VAL A 327 -32.49 -3.21 5.62
N PHE A 328 -33.33 -2.78 6.57
CA PHE A 328 -34.56 -2.07 6.26
C PHE A 328 -34.58 -0.64 6.76
N VAL A 329 -35.29 0.24 6.05
CA VAL A 329 -35.40 1.63 6.44
C VAL A 329 -36.88 2.01 6.51
N ASP A 330 -37.34 2.30 7.73
CA ASP A 330 -38.72 2.67 7.98
C ASP A 330 -39.66 1.55 7.53
N GLY A 331 -39.23 0.31 7.77
CA GLY A 331 -40.04 -0.84 7.37
C GLY A 331 -39.64 -1.47 6.05
N LYS A 332 -39.51 -0.66 5.00
CA LYS A 332 -39.14 -1.16 3.67
C LYS A 332 -37.67 -1.56 3.56
N LYS A 333 -37.41 -2.46 2.61
CA LYS A 333 -36.06 -2.96 2.39
C LYS A 333 -35.41 -2.22 1.23
N VAL A 334 -35.09 -0.94 1.46
CA VAL A 334 -34.46 -0.09 0.46
C VAL A 334 -33.26 -0.76 -0.21
N GLU A 335 -33.10 -0.53 -1.52
CA GLU A 335 -31.99 -1.13 -2.27
C GLU A 335 -30.79 -0.18 -2.29
N PRO A 336 -29.67 -0.60 -1.68
CA PRO A 336 -28.43 0.16 -1.60
C PRO A 336 -28.11 0.96 -2.85
N LYS A 337 -27.57 2.16 -2.62
CA LYS A 337 -27.19 3.07 -3.68
C LYS A 337 -25.87 3.69 -3.24
N GLY A 338 -25.07 2.90 -2.53
CA GLY A 338 -23.78 3.39 -2.08
C GLY A 338 -22.84 3.48 -3.26
N TRP A 339 -21.61 3.92 -3.01
CA TRP A 339 -20.64 4.03 -4.08
C TRP A 339 -20.07 2.66 -4.38
N LYS A 340 -20.24 2.23 -5.62
CA LYS A 340 -19.72 0.94 -6.06
C LYS A 340 -18.54 1.26 -6.96
N HIS A 341 -17.52 0.41 -6.98
CA HIS A 341 -16.38 0.63 -7.86
C HIS A 341 -16.65 -0.08 -9.19
N PHE A 342 -17.41 -1.16 -9.12
CA PHE A 342 -17.76 -1.93 -10.31
C PHE A 342 -19.23 -2.34 -10.19
N SER B 34 4.62 29.70 -16.30
CA SER B 34 4.94 28.99 -15.02
C SER B 34 6.38 28.49 -15.03
N PHE B 35 7.09 28.72 -13.93
CA PHE B 35 8.50 28.34 -13.81
C PHE B 35 8.78 27.54 -12.55
N THR B 36 7.73 27.17 -11.84
CA THR B 36 7.89 26.43 -10.61
C THR B 36 8.33 25.00 -10.94
N MET B 37 9.34 24.52 -10.21
CA MET B 37 9.92 23.20 -10.40
C MET B 37 9.00 21.97 -10.30
N ARG B 38 9.21 21.04 -11.23
CA ARG B 38 8.44 19.79 -11.33
C ARG B 38 9.27 18.60 -10.86
N LEU B 39 8.63 17.44 -10.75
CA LEU B 39 9.30 16.23 -10.29
C LEU B 39 10.36 15.77 -11.29
N LYS B 40 10.07 15.97 -12.57
CA LYS B 40 10.99 15.60 -13.65
C LYS B 40 12.34 16.27 -13.43
N GLU B 41 12.29 17.53 -13.00
CA GLU B 41 13.50 18.30 -12.76
C GLU B 41 14.15 17.98 -11.42
N LEU B 42 13.33 17.61 -10.44
CA LEU B 42 13.84 17.31 -9.10
C LEU B 42 14.60 15.99 -9.02
N GLY B 43 14.09 14.97 -9.70
CA GLY B 43 14.74 13.67 -9.66
C GLY B 43 14.27 12.84 -8.48
N GLU B 44 14.33 11.52 -8.62
CA GLU B 44 13.88 10.60 -7.57
C GLU B 44 14.57 10.81 -6.22
N PHE B 45 15.87 11.05 -6.26
CA PHE B 45 16.65 11.24 -5.05
C PHE B 45 16.38 12.58 -4.37
N GLY B 46 15.97 13.57 -5.15
CA GLY B 46 15.65 14.86 -4.57
C GLY B 46 14.28 14.76 -3.95
N LEU B 47 13.44 13.93 -4.57
CA LEU B 47 12.08 13.71 -4.09
C LEU B 47 12.19 13.02 -2.75
N ILE B 48 12.90 11.89 -2.72
CA ILE B 48 13.07 11.13 -1.50
C ILE B 48 13.60 11.98 -0.35
N ASP B 49 14.63 12.77 -0.64
CA ASP B 49 15.20 13.61 0.40
C ASP B 49 14.19 14.63 0.93
N LEU B 50 13.41 15.22 0.01
CA LEU B 50 12.40 16.21 0.35
C LEU B 50 11.29 15.63 1.26
N ILE B 51 10.91 14.38 1.03
CA ILE B 51 9.87 13.75 1.83
C ILE B 51 10.43 13.45 3.21
N LYS B 52 11.62 12.88 3.25
CA LYS B 52 12.29 12.54 4.50
C LYS B 52 12.44 13.81 5.34
N LYS B 53 12.88 14.89 4.69
CA LYS B 53 13.08 16.16 5.37
C LYS B 53 11.74 16.77 5.78
N THR B 54 10.73 16.68 4.92
CA THR B 54 9.42 17.25 5.25
C THR B 54 8.81 16.49 6.41
N LEU B 55 9.03 15.18 6.44
CA LEU B 55 8.51 14.33 7.51
C LEU B 55 9.40 14.40 8.75
N GLU B 56 10.64 14.86 8.56
CA GLU B 56 11.58 14.94 9.67
C GLU B 56 11.67 13.55 10.30
N SER B 57 11.81 12.54 9.45
CA SER B 57 11.89 11.15 9.87
C SER B 57 13.35 10.71 9.85
N LYS B 58 13.76 9.95 10.86
CA LYS B 58 15.12 9.44 10.93
C LYS B 58 15.11 7.95 10.61
N VAL B 59 13.91 7.34 10.70
CA VAL B 59 13.72 5.92 10.41
C VAL B 59 13.32 5.82 8.94
N ILE B 60 14.28 5.95 8.03
CA ILE B 60 13.94 5.92 6.62
C ILE B 60 15.13 6.17 5.70
N GLY B 61 15.43 5.17 4.88
CA GLY B 61 16.54 5.28 3.96
C GLY B 61 17.03 3.90 3.63
N ASP B 62 16.37 2.91 4.22
CA ASP B 62 16.69 1.50 4.00
C ASP B 62 15.61 0.81 3.16
N ASP B 63 15.75 -0.49 2.90
CA ASP B 63 14.78 -1.21 2.09
C ASP B 63 13.46 -1.40 2.83
N THR B 64 13.53 -1.37 4.15
CA THR B 64 12.34 -1.50 4.98
C THR B 64 12.42 -0.45 6.07
N ALA B 65 11.38 -0.40 6.91
CA ALA B 65 11.33 0.54 8.01
C ALA B 65 11.30 -0.29 9.29
N PRO B 66 12.38 -0.25 10.09
CA PRO B 66 12.44 -1.01 11.33
C PRO B 66 11.51 -0.36 12.35
N VAL B 67 10.79 -1.18 13.10
CA VAL B 67 9.87 -0.71 14.10
C VAL B 67 9.91 -1.70 15.24
N GLU B 68 10.28 -1.24 16.43
CA GLU B 68 10.37 -2.13 17.58
C GLU B 68 9.03 -2.58 18.12
N TYR B 69 8.91 -3.87 18.40
CA TYR B 69 7.67 -4.42 18.94
C TYR B 69 7.94 -5.74 19.66
N CYS B 70 7.54 -5.81 20.93
CA CYS B 70 7.74 -6.99 21.75
C CYS B 70 9.18 -7.48 21.65
N SER B 71 10.12 -6.60 21.98
CA SER B 71 11.54 -6.91 21.96
C SER B 71 12.08 -7.19 20.58
N LYS B 72 11.21 -7.59 19.67
CA LYS B 72 11.65 -7.88 18.30
C LYS B 72 11.43 -6.65 17.42
N LYS B 73 11.81 -6.75 16.15
CA LYS B 73 11.68 -5.64 15.22
C LYS B 73 10.90 -5.97 13.95
N LEU B 74 9.69 -5.41 13.81
CA LEU B 74 8.88 -5.63 12.61
C LEU B 74 9.50 -4.84 11.47
N LEU B 75 9.52 -5.40 10.27
CA LEU B 75 10.06 -4.71 9.11
C LEU B 75 8.90 -4.40 8.18
N LEU B 76 8.70 -3.11 7.92
CA LEU B 76 7.60 -2.70 7.03
C LEU B 76 8.13 -2.20 5.70
N THR B 77 7.45 -2.58 4.63
CA THR B 77 7.86 -2.14 3.31
C THR B 77 6.72 -2.24 2.31
N THR B 78 6.79 -1.42 1.28
CA THR B 78 5.77 -1.41 0.25
C THR B 78 6.42 -1.35 -1.12
N ASP B 79 5.67 -1.77 -2.14
CA ASP B 79 6.16 -1.77 -3.50
C ASP B 79 5.02 -1.71 -4.50
N VAL B 80 5.28 -1.12 -5.67
CA VAL B 80 4.25 -1.04 -6.68
C VAL B 80 4.72 -1.58 -8.01
N LEU B 81 3.75 -2.02 -8.79
CA LEU B 81 3.96 -2.54 -10.12
C LEU B 81 2.82 -1.87 -10.89
N ASN B 82 3.20 -0.97 -11.80
CA ASN B 82 2.22 -0.24 -12.61
C ASN B 82 2.21 -0.69 -14.06
N GLU B 83 1.03 -0.87 -14.62
CA GLU B 83 0.96 -1.29 -16.01
C GLU B 83 1.70 -0.26 -16.86
N GLY B 84 2.45 -0.73 -17.84
CA GLY B 84 3.21 0.17 -18.68
C GLY B 84 4.51 0.59 -18.03
N VAL B 85 4.61 0.53 -16.71
CA VAL B 85 5.85 0.91 -16.04
C VAL B 85 6.68 -0.27 -15.56
N HIS B 86 6.01 -1.29 -15.01
CA HIS B 86 6.71 -2.48 -14.50
C HIS B 86 6.38 -3.76 -15.25
N PHE B 87 5.27 -3.76 -15.98
CA PHE B 87 4.82 -4.92 -16.74
C PHE B 87 3.76 -4.43 -17.71
N LEU B 88 3.33 -5.30 -18.61
CA LEU B 88 2.31 -4.95 -19.59
C LEU B 88 1.13 -5.89 -19.36
N ARG B 89 -0.08 -5.42 -19.66
CA ARG B 89 -1.28 -6.24 -19.47
C ARG B 89 -1.21 -7.54 -20.27
N SER B 90 -0.39 -7.56 -21.30
CA SER B 90 -0.25 -8.75 -22.14
C SER B 90 0.49 -9.88 -21.43
N TYR B 91 1.25 -9.58 -20.38
CA TYR B 91 1.98 -10.63 -19.67
C TYR B 91 1.03 -11.62 -19.01
N ILE B 92 1.60 -12.74 -18.58
CA ILE B 92 0.81 -13.78 -17.92
C ILE B 92 0.52 -13.33 -16.47
N PRO B 93 -0.75 -13.05 -16.16
CA PRO B 93 -1.17 -12.61 -14.82
C PRO B 93 -0.61 -13.39 -13.63
N GLU B 94 -0.49 -14.71 -13.75
CA GLU B 94 0.05 -15.53 -12.67
C GLU B 94 1.44 -15.02 -12.25
N ALA B 95 2.27 -14.79 -13.27
CA ALA B 95 3.62 -14.30 -13.07
C ALA B 95 3.63 -12.93 -12.40
N VAL B 96 2.66 -12.09 -12.72
CA VAL B 96 2.61 -10.75 -12.12
C VAL B 96 2.15 -10.84 -10.64
N GLY B 97 1.28 -11.80 -10.34
CA GLY B 97 0.82 -11.97 -8.97
C GLY B 97 1.95 -12.51 -8.10
N TRP B 98 2.75 -13.40 -8.70
CA TRP B 98 3.89 -14.00 -8.02
C TRP B 98 4.94 -12.92 -7.79
N LYS B 99 5.15 -12.11 -8.82
CA LYS B 99 6.11 -11.04 -8.75
C LYS B 99 5.69 -9.95 -7.78
N ALA B 100 4.40 -9.64 -7.75
CA ALA B 100 3.90 -8.59 -6.87
C ALA B 100 4.27 -8.87 -5.42
N ILE B 101 4.33 -10.16 -5.06
CA ILE B 101 4.69 -10.54 -3.70
C ILE B 101 6.21 -10.61 -3.56
N SER B 102 6.86 -11.22 -4.55
CA SER B 102 8.31 -11.39 -4.57
C SER B 102 9.15 -10.14 -4.36
N VAL B 103 9.00 -9.15 -5.24
CA VAL B 103 9.79 -7.92 -5.15
C VAL B 103 9.67 -7.32 -3.77
N ASN B 104 8.52 -7.52 -3.15
CA ASN B 104 8.25 -7.02 -1.80
C ASN B 104 8.95 -7.89 -0.76
N VAL B 105 8.88 -9.20 -0.93
CA VAL B 105 9.55 -10.11 -0.01
C VAL B 105 11.05 -9.85 -0.14
N SER B 106 11.49 -9.47 -1.33
CA SER B 106 12.90 -9.20 -1.57
C SER B 106 13.42 -8.10 -0.62
N ASP B 107 12.61 -7.05 -0.39
CA ASP B 107 13.03 -5.95 0.51
C ASP B 107 13.11 -6.43 1.96
N VAL B 108 12.12 -7.22 2.38
CA VAL B 108 12.09 -7.74 3.74
C VAL B 108 13.32 -8.60 3.99
N ILE B 109 13.62 -9.46 3.03
CA ILE B 109 14.77 -10.36 3.12
C ILE B 109 16.10 -9.60 3.13
N ALA B 110 16.25 -8.62 2.25
CA ALA B 110 17.47 -7.84 2.15
C ALA B 110 17.91 -7.18 3.47
N ASN B 111 16.99 -6.97 4.39
CA ASN B 111 17.35 -6.33 5.66
C ASN B 111 17.39 -7.36 6.80
N GLY B 112 17.34 -8.63 6.42
CA GLY B 112 17.40 -9.73 7.38
C GLY B 112 16.11 -10.19 8.02
N GLY B 113 14.97 -9.94 7.38
CA GLY B 113 13.71 -10.35 7.96
C GLY B 113 12.91 -11.37 7.18
N LEU B 114 11.96 -11.98 7.86
CA LEU B 114 11.08 -12.97 7.24
C LEU B 114 9.68 -12.38 7.02
N PRO B 115 9.12 -12.57 5.81
CA PRO B 115 7.80 -12.06 5.47
C PRO B 115 6.71 -12.69 6.32
N LYS B 116 5.73 -11.89 6.72
CA LYS B 116 4.63 -12.42 7.51
C LYS B 116 3.27 -12.14 6.90
N TRP B 117 2.84 -10.88 6.96
CA TRP B 117 1.54 -10.52 6.45
C TRP B 117 1.62 -9.52 5.32
N ALA B 118 0.69 -9.63 4.39
CA ALA B 118 0.64 -8.71 3.26
C ALA B 118 -0.76 -8.20 2.99
N LEU B 119 -0.81 -7.01 2.41
CA LEU B 119 -2.04 -6.37 2.03
C LEU B 119 -1.78 -5.97 0.58
N ILE B 120 -2.83 -6.06 -0.24
CA ILE B 120 -2.67 -5.69 -1.64
C ILE B 120 -3.66 -4.61 -1.98
N SER B 121 -3.18 -3.52 -2.56
CA SER B 121 -4.04 -2.42 -2.97
C SER B 121 -4.03 -2.48 -4.50
N LEU B 122 -5.21 -2.62 -5.10
CA LEU B 122 -5.34 -2.73 -6.55
C LEU B 122 -6.17 -1.68 -7.27
N ASN B 123 -5.61 -1.14 -8.35
CA ASN B 123 -6.32 -0.20 -9.22
C ASN B 123 -6.64 -1.04 -10.45
N LEU B 124 -7.92 -1.30 -10.68
CA LEU B 124 -8.33 -2.11 -11.81
C LEU B 124 -9.32 -1.39 -12.72
N PRO B 125 -9.15 -1.51 -14.04
CA PRO B 125 -10.06 -0.87 -14.99
C PRO B 125 -11.35 -1.68 -15.04
N GLU B 126 -12.48 -1.00 -15.12
CA GLU B 126 -13.79 -1.66 -15.16
C GLU B 126 -13.92 -2.72 -16.26
N ASP B 127 -13.12 -2.61 -17.30
CA ASP B 127 -13.14 -3.51 -18.44
C ASP B 127 -12.11 -4.63 -18.35
N LEU B 128 -11.49 -4.80 -17.19
CA LEU B 128 -10.50 -5.85 -17.02
C LEU B 128 -11.20 -7.19 -16.90
N GLU B 129 -10.64 -8.23 -17.52
CA GLU B 129 -11.20 -9.58 -17.48
C GLU B 129 -11.07 -10.15 -16.07
N VAL B 130 -12.16 -10.71 -15.51
CA VAL B 130 -12.07 -11.25 -14.15
C VAL B 130 -11.04 -12.37 -14.11
N SER B 131 -10.88 -13.06 -15.23
CA SER B 131 -9.92 -14.16 -15.29
C SER B 131 -8.50 -13.62 -15.04
N TYR B 132 -8.26 -12.38 -15.47
CA TYR B 132 -6.95 -11.77 -15.27
C TYR B 132 -6.70 -11.64 -13.78
N VAL B 133 -7.73 -11.25 -13.05
CA VAL B 133 -7.63 -11.07 -11.61
C VAL B 133 -7.62 -12.41 -10.88
N GLU B 134 -8.42 -13.35 -11.35
CA GLU B 134 -8.43 -14.64 -10.66
C GLU B 134 -7.03 -15.25 -10.77
N ARG B 135 -6.52 -15.30 -12.00
CA ARG B 135 -5.20 -15.87 -12.25
C ARG B 135 -4.10 -15.13 -11.48
N PHE B 136 -4.19 -13.81 -11.48
CA PHE B 136 -3.22 -12.97 -10.76
C PHE B 136 -3.11 -13.41 -9.30
N TYR B 137 -4.27 -13.55 -8.64
CA TYR B 137 -4.27 -13.95 -7.24
C TYR B 137 -3.77 -15.37 -7.05
N ILE B 138 -3.95 -16.22 -8.05
CA ILE B 138 -3.45 -17.58 -7.91
C ILE B 138 -1.92 -17.50 -7.89
N GLY B 139 -1.38 -16.49 -8.58
CA GLY B 139 0.06 -16.29 -8.57
C GLY B 139 0.44 -15.78 -7.20
N VAL B 140 -0.42 -14.93 -6.65
CA VAL B 140 -0.20 -14.38 -5.32
C VAL B 140 -0.15 -15.53 -4.33
N LYS B 141 -1.17 -16.40 -4.36
CA LYS B 141 -1.25 -17.55 -3.46
C LYS B 141 -0.01 -18.44 -3.51
N ARG B 142 0.44 -18.71 -4.73
CA ARG B 142 1.63 -19.53 -4.95
C ARG B 142 2.85 -18.95 -4.25
N ALA B 143 3.08 -17.65 -4.45
CA ALA B 143 4.23 -16.98 -3.85
C ALA B 143 4.16 -17.02 -2.33
N CYS B 144 3.01 -16.65 -1.78
CA CYS B 144 2.84 -16.66 -0.34
C CYS B 144 3.08 -18.05 0.25
N GLU B 145 2.62 -19.09 -0.44
CA GLU B 145 2.83 -20.44 0.06
C GLU B 145 4.32 -20.79 0.01
N PHE B 146 5.02 -20.25 -0.98
CA PHE B 146 6.44 -20.50 -1.13
C PHE B 146 7.31 -19.70 -0.15
N TYR B 147 6.93 -18.45 0.12
CA TYR B 147 7.67 -17.57 1.02
C TYR B 147 7.13 -17.69 2.45
N LYS B 148 6.04 -18.42 2.57
CA LYS B 148 5.39 -18.66 3.85
C LYS B 148 4.87 -17.43 4.59
N CYS B 149 4.17 -16.57 3.86
CA CYS B 149 3.57 -15.37 4.44
C CYS B 149 2.10 -15.45 4.03
N GLU B 150 1.29 -14.49 4.42
CA GLU B 150 -0.13 -14.55 4.10
C GLU B 150 -0.69 -13.19 3.67
N VAL B 151 -1.58 -13.22 2.69
CA VAL B 151 -2.23 -11.99 2.22
C VAL B 151 -3.54 -11.90 3.02
N VAL B 152 -3.54 -11.07 4.07
CA VAL B 152 -4.71 -10.94 4.93
C VAL B 152 -5.72 -9.85 4.60
N GLY B 153 -5.50 -9.14 3.49
CA GLY B 153 -6.44 -8.09 3.11
C GLY B 153 -5.89 -7.14 2.06
N GLY B 154 -6.60 -6.03 1.85
CA GLY B 154 -6.17 -5.09 0.87
C GLY B 154 -7.25 -4.11 0.48
N ASN B 155 -7.15 -3.56 -0.73
CA ASN B 155 -8.13 -2.59 -1.19
C ASN B 155 -8.43 -2.66 -2.69
N ILE B 156 -9.64 -2.24 -3.06
CA ILE B 156 -10.08 -2.22 -4.46
C ILE B 156 -10.47 -0.80 -4.89
N SER B 157 -10.20 -0.48 -6.14
CA SER B 157 -10.55 0.82 -6.68
C SER B 157 -10.52 0.76 -8.18
N LYS B 158 -11.41 1.49 -8.85
CA LYS B 158 -11.38 1.47 -10.30
C LYS B 158 -10.34 2.50 -10.74
N SER B 159 -9.85 2.37 -11.97
CA SER B 159 -8.84 3.28 -12.49
C SER B 159 -8.67 3.02 -13.97
N GLU B 160 -7.92 3.90 -14.63
CA GLU B 160 -7.64 3.78 -16.05
C GLU B 160 -6.81 2.55 -16.32
N LYS B 161 -5.70 2.38 -15.60
CA LYS B 161 -4.87 1.22 -15.82
C LYS B 161 -4.61 0.41 -14.55
N ILE B 162 -4.08 -0.79 -14.72
CA ILE B 162 -3.77 -1.70 -13.62
C ILE B 162 -2.66 -1.16 -12.69
N GLY B 163 -2.96 -1.09 -11.41
CA GLY B 163 -1.99 -0.63 -10.43
C GLY B 163 -1.94 -1.66 -9.33
N ILE B 164 -0.74 -2.11 -8.98
CA ILE B 164 -0.57 -3.12 -7.94
C ILE B 164 0.38 -2.66 -6.83
N SER B 165 -0.21 -2.32 -5.69
CA SER B 165 0.54 -1.88 -4.53
C SER B 165 0.40 -2.92 -3.42
N VAL B 166 1.54 -3.48 -3.02
CA VAL B 166 1.53 -4.49 -1.98
C VAL B 166 2.33 -3.98 -0.79
N PHE B 167 1.80 -4.20 0.40
CA PHE B 167 2.42 -3.80 1.64
C PHE B 167 2.81 -5.08 2.37
N LEU B 168 4.01 -5.09 2.93
CA LEU B 168 4.50 -6.26 3.63
C LEU B 168 5.00 -5.99 5.03
N VAL B 169 4.66 -6.90 5.93
CA VAL B 169 5.07 -6.80 7.32
C VAL B 169 6.03 -7.94 7.59
N GLY B 170 7.24 -7.60 8.03
CA GLY B 170 8.24 -8.61 8.31
C GLY B 170 8.59 -8.70 9.77
N GLU B 171 9.09 -9.85 10.18
CA GLU B 171 9.48 -10.08 11.56
C GLU B 171 10.98 -10.35 11.55
N THR B 172 11.72 -9.83 12.52
CA THR B 172 13.15 -10.06 12.54
C THR B 172 13.79 -9.86 13.91
N GLU B 173 14.75 -10.71 14.22
CA GLU B 173 15.47 -10.64 15.49
C GLU B 173 16.47 -9.50 15.39
N ARG B 174 17.17 -9.43 14.26
CA ARG B 174 18.18 -8.38 14.05
C ARG B 174 18.04 -7.64 12.72
N PHE B 175 17.76 -6.34 12.78
CA PHE B 175 17.63 -5.52 11.56
C PHE B 175 19.00 -5.22 11.00
N VAL B 176 19.12 -5.26 9.68
CA VAL B 176 20.39 -5.00 9.02
C VAL B 176 20.20 -3.99 7.91
N GLY B 177 20.49 -2.74 8.21
CA GLY B 177 20.35 -1.68 7.23
C GLY B 177 21.51 -1.68 6.24
N ARG B 178 21.62 -0.61 5.47
CA ARG B 178 22.67 -0.48 4.49
C ARG B 178 23.61 0.63 4.92
N ASP B 179 23.69 0.84 6.24
CA ASP B 179 24.54 1.88 6.80
C ASP B 179 25.65 1.33 7.69
N GLY B 180 25.53 0.06 8.08
CA GLY B 180 26.53 -0.54 8.95
C GLY B 180 27.77 -1.14 8.32
N ALA B 181 27.99 -0.93 7.03
CA ALA B 181 29.16 -1.48 6.35
C ALA B 181 30.44 -1.02 7.01
N ARG B 182 31.34 -1.97 7.28
CA ARG B 182 32.63 -1.67 7.90
C ARG B 182 33.74 -1.62 6.85
N LEU B 183 34.84 -0.94 7.17
CA LEU B 183 35.96 -0.85 6.24
C LEU B 183 36.61 -2.23 6.13
N GLY B 184 37.21 -2.51 4.97
CA GLY B 184 37.84 -3.80 4.79
C GLY B 184 36.87 -4.90 4.40
N ASP B 185 35.63 -4.77 4.87
CA ASP B 185 34.57 -5.74 4.56
C ASP B 185 34.56 -6.10 3.08
N SER B 186 34.12 -7.31 2.77
CA SER B 186 34.04 -7.76 1.39
C SER B 186 32.61 -7.50 0.91
N VAL B 187 32.47 -7.23 -0.38
CA VAL B 187 31.17 -6.96 -0.97
C VAL B 187 30.67 -8.19 -1.72
N PHE B 188 29.60 -8.80 -1.21
CA PHE B 188 29.01 -10.00 -1.80
C PHE B 188 27.63 -9.81 -2.44
N VAL B 189 27.36 -10.59 -3.49
CA VAL B 189 26.06 -10.57 -4.15
C VAL B 189 25.56 -12.02 -4.23
N SER B 190 24.27 -12.19 -4.43
CA SER B 190 23.71 -13.54 -4.54
C SER B 190 23.45 -13.78 -6.01
N GLY B 191 23.18 -15.04 -6.38
CA GLY B 191 22.90 -15.39 -7.78
C GLY B 191 23.77 -14.76 -8.85
N THR B 192 23.14 -14.45 -9.99
CA THR B 192 23.81 -13.84 -11.12
C THR B 192 23.13 -12.51 -11.48
N LEU B 193 23.78 -11.70 -12.29
CA LEU B 193 23.21 -10.41 -12.66
C LEU B 193 22.96 -10.18 -14.16
N GLY B 194 22.04 -9.28 -14.45
CA GLY B 194 21.73 -8.94 -15.83
C GLY B 194 20.70 -9.80 -16.53
N ASP B 195 20.42 -10.96 -15.96
CA ASP B 195 19.44 -11.86 -16.55
C ASP B 195 18.13 -11.15 -16.81
N SER B 196 17.61 -10.48 -15.79
CA SER B 196 16.33 -9.77 -15.88
C SER B 196 16.25 -8.73 -16.98
N ARG B 197 17.30 -7.95 -17.17
CA ARG B 197 17.25 -6.95 -18.23
C ARG B 197 17.20 -7.65 -19.58
N ALA B 198 17.90 -8.78 -19.69
CA ALA B 198 17.91 -9.51 -20.95
C ALA B 198 16.52 -10.09 -21.19
N GLY B 199 15.89 -10.56 -20.13
CA GLY B 199 14.57 -11.14 -20.24
C GLY B 199 13.55 -10.10 -20.68
N LEU B 200 13.70 -8.87 -20.20
CA LEU B 200 12.79 -7.80 -20.56
C LEU B 200 12.91 -7.43 -22.02
N GLU B 201 14.14 -7.36 -22.51
CA GLU B 201 14.37 -7.03 -23.91
C GLU B 201 13.79 -8.14 -24.75
N LEU B 202 13.88 -9.37 -24.27
CA LEU B 202 13.36 -10.52 -25.01
C LEU B 202 11.84 -10.41 -25.12
N LEU B 203 11.21 -9.99 -24.04
CA LEU B 203 9.77 -9.83 -23.99
C LEU B 203 9.30 -8.75 -24.96
N LEU B 204 10.08 -7.67 -25.07
CA LEU B 204 9.74 -6.56 -25.96
C LEU B 204 9.81 -6.93 -27.44
N MET B 205 10.60 -7.96 -27.78
CA MET B 205 10.74 -8.40 -29.18
C MET B 205 9.44 -9.00 -29.71
N GLU B 206 8.55 -9.35 -28.78
CA GLU B 206 7.26 -9.93 -29.12
C GLU B 206 7.34 -11.07 -30.12
N LYS B 207 8.29 -11.96 -29.93
CA LYS B 207 8.43 -13.10 -30.82
C LYS B 207 7.32 -14.10 -30.47
N GLU B 208 6.95 -14.94 -31.42
CA GLU B 208 5.89 -15.93 -31.19
C GLU B 208 6.47 -17.17 -30.51
N GLU B 209 7.77 -17.35 -30.65
CA GLU B 209 8.47 -18.47 -30.06
C GLU B 209 9.86 -18.04 -29.59
N TYR B 210 10.29 -18.56 -28.46
CA TYR B 210 11.61 -18.24 -27.93
C TYR B 210 12.42 -19.49 -27.69
N GLU B 211 13.74 -19.37 -27.83
CA GLU B 211 14.61 -20.51 -27.60
C GLU B 211 14.64 -20.79 -26.10
N PRO B 212 14.89 -22.05 -25.73
CA PRO B 212 14.95 -22.47 -24.31
C PRO B 212 15.76 -21.55 -23.38
N PHE B 213 16.97 -21.15 -23.78
CA PHE B 213 17.79 -20.29 -22.93
C PHE B 213 17.16 -18.91 -22.79
N GLU B 214 16.44 -18.50 -23.83
CA GLU B 214 15.78 -17.20 -23.82
C GLU B 214 14.62 -17.20 -22.82
N LEU B 215 13.81 -18.26 -22.82
CA LEU B 215 12.71 -18.32 -21.88
C LEU B 215 13.26 -18.27 -20.44
N ALA B 216 14.45 -18.82 -20.22
CA ALA B 216 15.06 -18.78 -18.89
C ALA B 216 15.18 -17.31 -18.42
N LEU B 217 15.75 -16.47 -19.28
CA LEU B 217 15.94 -15.06 -19.01
C LEU B 217 14.58 -14.36 -18.83
N ILE B 218 13.65 -14.62 -19.74
CA ILE B 218 12.32 -14.03 -19.65
C ILE B 218 11.73 -14.45 -18.31
N GLN B 219 12.02 -15.69 -17.95
CA GLN B 219 11.60 -16.28 -16.71
C GLN B 219 12.03 -15.42 -15.52
N ARG B 220 13.30 -15.05 -15.51
CA ARG B 220 13.86 -14.24 -14.44
C ARG B 220 13.30 -12.83 -14.33
N HIS B 221 12.80 -12.31 -15.44
CA HIS B 221 12.23 -10.97 -15.43
C HIS B 221 10.79 -11.01 -14.91
N LEU B 222 10.04 -11.98 -15.44
CA LEU B 222 8.63 -12.18 -15.12
C LEU B 222 8.33 -12.75 -13.72
N ARG B 223 9.00 -13.85 -13.36
CA ARG B 223 8.77 -14.48 -12.06
C ARG B 223 10.04 -14.47 -11.22
N PRO B 224 10.54 -13.29 -10.86
CA PRO B 224 11.76 -13.25 -10.04
C PRO B 224 11.52 -13.96 -8.71
N THR B 225 12.59 -14.50 -8.13
CA THR B 225 12.49 -15.21 -6.86
C THR B 225 13.35 -14.55 -5.78
N ALA B 226 12.70 -14.07 -4.72
CA ALA B 226 13.40 -13.42 -3.62
C ALA B 226 14.36 -14.40 -2.94
N ARG B 227 15.58 -13.96 -2.63
CA ARG B 227 16.55 -14.86 -2.00
C ARG B 227 16.24 -15.05 -0.53
N ILE B 228 15.04 -15.53 -0.25
CA ILE B 228 14.55 -15.79 1.09
C ILE B 228 15.41 -16.84 1.80
N ASP B 229 16.27 -17.50 1.03
CA ASP B 229 17.17 -18.53 1.55
C ASP B 229 18.45 -17.91 2.13
N TYR B 230 18.52 -16.57 2.14
CA TYR B 230 19.68 -15.86 2.68
C TYR B 230 19.35 -15.19 4.00
N VAL B 231 18.11 -15.30 4.46
CA VAL B 231 17.74 -14.66 5.72
C VAL B 231 18.72 -14.98 6.84
N LYS B 232 18.88 -16.27 7.15
CA LYS B 232 19.78 -16.69 8.22
C LYS B 232 21.12 -15.99 8.10
N HIS B 233 21.72 -16.09 6.91
CA HIS B 233 23.02 -15.49 6.65
C HIS B 233 23.11 -14.00 6.90
N ILE B 234 22.27 -13.23 6.19
CA ILE B 234 22.27 -11.77 6.34
C ILE B 234 22.04 -11.38 7.79
N GLN B 235 20.94 -11.87 8.35
CA GLN B 235 20.55 -11.60 9.73
C GLN B 235 21.66 -11.85 10.74
N LYS B 236 22.58 -12.76 10.43
CA LYS B 236 23.64 -13.07 11.37
C LYS B 236 25.00 -12.49 11.05
N TYR B 237 25.42 -12.58 9.80
CA TYR B 237 26.75 -12.11 9.41
C TYR B 237 26.84 -10.92 8.49
N ALA B 238 25.72 -10.29 8.18
CA ALA B 238 25.78 -9.14 7.27
C ALA B 238 25.94 -7.85 8.04
N ASN B 239 26.94 -7.06 7.68
CA ASN B 239 27.14 -5.77 8.35
C ASN B 239 26.21 -4.75 7.71
N ALA B 240 26.05 -4.85 6.39
CA ALA B 240 25.19 -3.97 5.61
C ALA B 240 24.57 -4.78 4.50
N SER B 241 23.29 -4.54 4.20
CA SER B 241 22.62 -5.31 3.15
C SER B 241 21.42 -4.64 2.49
N MET B 242 21.17 -5.03 1.25
CA MET B 242 20.05 -4.49 0.48
C MET B 242 19.91 -5.35 -0.78
N ASP B 243 18.82 -5.18 -1.52
CA ASP B 243 18.63 -5.96 -2.76
C ASP B 243 18.82 -5.10 -4.00
N ILE B 244 19.45 -5.69 -5.01
CA ILE B 244 19.70 -5.01 -6.27
C ILE B 244 18.40 -4.99 -7.02
N SER B 245 17.84 -3.81 -7.19
CA SER B 245 16.56 -3.65 -7.86
C SER B 245 16.61 -2.74 -9.08
N ASP B 246 17.48 -1.74 -9.04
CA ASP B 246 17.58 -0.81 -10.15
C ASP B 246 18.85 -1.00 -10.98
N GLY B 247 19.78 -1.76 -10.44
CA GLY B 247 21.05 -2.00 -11.11
C GLY B 247 22.12 -1.99 -10.04
N LEU B 248 23.12 -2.87 -10.17
CA LEU B 248 24.19 -2.96 -9.18
C LEU B 248 24.87 -1.63 -8.89
N VAL B 249 25.61 -1.13 -9.88
CA VAL B 249 26.33 0.13 -9.73
C VAL B 249 25.46 1.16 -9.02
N ALA B 250 24.24 1.37 -9.52
CA ALA B 250 23.31 2.34 -8.95
C ALA B 250 23.00 2.09 -7.47
N ASP B 251 22.45 0.94 -7.15
CA ASP B 251 22.11 0.63 -5.76
C ASP B 251 23.34 0.60 -4.86
N ALA B 252 24.50 0.34 -5.47
CA ALA B 252 25.76 0.30 -4.72
C ALA B 252 26.00 1.66 -4.09
N ASN B 253 25.56 2.71 -4.80
CA ASN B 253 25.71 4.07 -4.31
C ASN B 253 24.85 4.32 -3.08
N HIS B 254 23.73 3.60 -2.96
CA HIS B 254 22.90 3.77 -1.78
C HIS B 254 23.69 3.22 -0.60
N LEU B 255 24.27 2.03 -0.80
CA LEU B 255 25.04 1.34 0.23
C LEU B 255 26.23 2.20 0.71
N ALA B 256 27.04 2.62 -0.25
CA ALA B 256 28.20 3.46 0.03
C ALA B 256 27.80 4.67 0.86
N GLN B 257 26.87 5.44 0.32
CA GLN B 257 26.39 6.64 0.99
C GLN B 257 25.84 6.40 2.40
N ARG B 258 24.85 5.54 2.53
CA ARG B 258 24.27 5.27 3.84
C ARG B 258 25.32 4.87 4.89
N SER B 259 26.20 3.95 4.53
CA SER B 259 27.24 3.49 5.45
C SER B 259 28.32 4.54 5.65
N GLY B 260 28.73 5.17 4.55
CA GLY B 260 29.76 6.19 4.61
C GLY B 260 31.11 5.67 4.14
N VAL B 261 31.10 4.88 3.07
CA VAL B 261 32.32 4.31 2.54
C VAL B 261 32.41 4.41 1.03
N LYS B 262 33.44 3.78 0.48
CA LYS B 262 33.65 3.76 -0.96
C LYS B 262 33.47 2.30 -1.37
N ILE B 263 32.83 2.07 -2.51
CA ILE B 263 32.64 0.70 -2.99
C ILE B 263 33.56 0.41 -4.15
N GLU B 264 34.44 -0.57 -3.94
CA GLU B 264 35.41 -0.98 -4.93
C GLU B 264 34.88 -2.25 -5.59
N ILE B 265 34.39 -2.14 -6.82
CA ILE B 265 33.86 -3.28 -7.55
C ILE B 265 34.74 -3.66 -8.74
N LEU B 266 34.83 -4.97 -9.00
CA LEU B 266 35.61 -5.49 -10.11
C LEU B 266 34.68 -6.20 -11.08
N SER B 267 34.53 -5.63 -12.27
CA SER B 267 33.67 -6.19 -13.30
C SER B 267 33.93 -7.69 -13.56
N GLU B 268 35.16 -8.02 -13.92
CA GLU B 268 35.53 -9.41 -14.20
C GLU B 268 35.55 -10.30 -12.97
N LYS B 269 34.49 -10.18 -12.16
CA LYS B 269 34.31 -10.96 -10.95
C LYS B 269 32.82 -10.94 -10.65
N LEU B 270 32.07 -10.33 -11.57
CA LEU B 270 30.61 -10.23 -11.48
C LEU B 270 30.06 -11.57 -11.94
N PRO B 271 29.14 -12.16 -11.16
CA PRO B 271 28.60 -13.45 -11.57
C PRO B 271 27.68 -13.36 -12.79
N LEU B 272 28.17 -13.88 -13.91
CA LEU B 272 27.42 -13.87 -15.16
C LEU B 272 26.71 -15.20 -15.40
N SER B 273 25.59 -15.14 -16.12
CA SER B 273 24.78 -16.33 -16.42
C SER B 273 25.07 -16.91 -17.79
N ASN B 274 24.98 -18.23 -17.91
CA ASN B 274 25.23 -18.84 -19.21
C ASN B 274 24.22 -18.32 -20.21
N GLU B 275 22.93 -18.41 -19.88
CA GLU B 275 21.91 -17.91 -20.80
C GLU B 275 22.11 -16.44 -21.07
N LEU B 276 22.63 -15.71 -20.08
CA LEU B 276 22.89 -14.29 -20.29
C LEU B 276 23.99 -14.17 -21.34
N LYS B 277 25.05 -14.97 -21.18
CA LYS B 277 26.15 -14.98 -22.13
C LYS B 277 25.66 -15.45 -23.49
N MET B 278 24.66 -16.33 -23.47
CA MET B 278 24.05 -16.86 -24.69
C MET B 278 23.32 -15.72 -25.41
N TYR B 279 22.54 -14.98 -24.64
CA TYR B 279 21.80 -13.84 -25.14
C TYR B 279 22.75 -12.78 -25.67
N CYS B 280 23.86 -12.57 -24.95
CA CYS B 280 24.84 -11.57 -25.35
C CYS B 280 25.63 -12.00 -26.58
N GLU B 281 25.94 -13.30 -26.67
CA GLU B 281 26.67 -13.85 -27.81
C GLU B 281 25.74 -13.74 -29.01
N LYS B 282 24.52 -14.27 -28.86
CA LYS B 282 23.53 -14.24 -29.92
C LYS B 282 23.07 -12.84 -30.37
N TYR B 283 22.97 -11.88 -29.47
CA TYR B 283 22.50 -10.55 -29.87
C TYR B 283 23.57 -9.44 -29.97
N GLY B 284 24.81 -9.76 -29.61
CA GLY B 284 25.90 -8.79 -29.72
C GLY B 284 26.04 -7.73 -28.64
N LYS B 285 25.91 -8.13 -27.38
CA LYS B 285 26.03 -7.20 -26.25
C LYS B 285 27.09 -7.66 -25.26
N ASN B 286 27.57 -6.73 -24.45
CA ASN B 286 28.59 -7.03 -23.45
C ASN B 286 27.89 -7.46 -22.16
N PRO B 287 28.10 -8.72 -21.74
CA PRO B 287 27.48 -9.22 -20.51
C PRO B 287 27.71 -8.30 -19.31
N ILE B 288 28.93 -7.80 -19.16
CA ILE B 288 29.25 -6.91 -18.05
C ILE B 288 28.25 -5.76 -18.01
N GLU B 289 28.06 -5.13 -19.18
CA GLU B 289 27.12 -4.02 -19.32
C GLU B 289 25.75 -4.32 -18.73
N TYR B 290 25.33 -5.58 -18.78
CA TYR B 290 24.03 -5.97 -18.25
C TYR B 290 24.08 -6.22 -16.75
N ALA B 291 25.23 -6.65 -16.26
CA ALA B 291 25.37 -6.93 -14.84
C ALA B 291 25.59 -5.66 -14.00
N LEU B 292 26.17 -4.62 -14.59
CA LEU B 292 26.43 -3.39 -13.85
C LEU B 292 25.21 -2.49 -13.80
N PHE B 293 24.52 -2.41 -14.94
CA PHE B 293 23.35 -1.56 -15.07
C PHE B 293 22.05 -2.28 -15.40
N GLY B 294 22.00 -3.57 -15.09
CA GLY B 294 20.78 -4.32 -15.36
C GLY B 294 19.87 -4.23 -14.15
N GLY B 295 18.57 -4.05 -14.37
CA GLY B 295 17.67 -3.95 -13.25
C GLY B 295 16.79 -5.15 -12.95
N GLU B 296 16.05 -5.03 -11.85
CA GLU B 296 15.12 -6.05 -11.40
C GLU B 296 15.68 -7.46 -11.28
N ASP B 297 16.95 -7.59 -10.91
CA ASP B 297 17.53 -8.92 -10.74
C ASP B 297 17.17 -9.46 -9.36
N TYR B 298 16.91 -8.53 -8.44
CA TYR B 298 16.52 -8.85 -7.09
C TYR B 298 17.43 -9.84 -6.36
N GLN B 299 18.72 -9.67 -6.57
CA GLN B 299 19.71 -10.47 -5.88
C GLN B 299 20.07 -9.63 -4.66
N LEU B 300 20.93 -10.13 -3.78
CA LEU B 300 21.27 -9.32 -2.62
C LEU B 300 22.65 -8.68 -2.74
N LEU B 301 22.82 -7.60 -1.99
CA LEU B 301 24.07 -6.86 -1.97
C LEU B 301 24.37 -6.62 -0.50
N PHE B 302 25.35 -7.35 0.02
CA PHE B 302 25.71 -7.20 1.43
C PHE B 302 27.22 -7.21 1.57
N THR B 303 27.69 -6.67 2.69
CA THR B 303 29.12 -6.62 2.96
C THR B 303 29.41 -7.23 4.32
N HIS B 304 30.60 -7.83 4.42
CA HIS B 304 31.06 -8.46 5.65
C HIS B 304 32.45 -9.06 5.42
N PRO B 305 33.17 -9.40 6.49
CA PRO B 305 34.51 -9.99 6.38
C PRO B 305 34.45 -11.32 5.64
N LYS B 306 35.32 -11.48 4.64
CA LYS B 306 35.35 -12.70 3.86
C LYS B 306 35.43 -13.93 4.78
N GLU B 307 35.93 -13.72 5.98
CA GLU B 307 36.04 -14.80 6.96
C GLU B 307 34.65 -15.36 7.29
N ARG B 308 33.61 -14.60 6.95
CA ARG B 308 32.25 -15.03 7.23
C ARG B 308 31.53 -15.65 6.05
N TRP B 309 32.24 -15.80 4.94
CA TRP B 309 31.67 -16.41 3.73
C TRP B 309 31.14 -17.81 4.00
N ASN B 310 30.00 -18.14 3.39
CA ASN B 310 29.40 -19.45 3.57
C ASN B 310 29.30 -20.11 2.20
N PRO B 311 30.30 -20.93 1.84
CA PRO B 311 30.35 -21.63 0.55
C PRO B 311 29.10 -22.42 0.14
N PHE B 312 28.21 -22.68 1.08
CA PHE B 312 26.99 -23.41 0.77
C PHE B 312 25.84 -22.51 0.28
N LEU B 313 26.19 -21.37 -0.30
CA LEU B 313 25.24 -20.41 -0.86
C LEU B 313 25.89 -19.83 -2.11
N ASP B 314 25.10 -19.45 -3.09
CA ASP B 314 25.62 -18.90 -4.34
C ASP B 314 26.28 -17.52 -4.21
N MET B 315 26.75 -17.25 -3.00
CA MET B 315 27.42 -16.00 -2.65
C MET B 315 28.62 -15.74 -3.59
N THR B 316 28.80 -14.49 -3.99
CA THR B 316 29.90 -14.14 -4.87
C THR B 316 30.51 -12.77 -4.52
N GLU B 317 31.74 -12.79 -4.01
CA GLU B 317 32.43 -11.54 -3.68
C GLU B 317 32.69 -10.81 -4.99
N ILE B 318 32.42 -9.50 -5.01
CA ILE B 318 32.64 -8.72 -6.21
C ILE B 318 33.56 -7.52 -5.97
N GLY B 319 33.69 -7.14 -4.70
CA GLY B 319 34.53 -6.01 -4.37
C GLY B 319 34.80 -5.80 -2.90
N ARG B 320 35.36 -4.64 -2.57
CA ARG B 320 35.69 -4.28 -1.19
C ARG B 320 35.17 -2.93 -0.72
N VAL B 321 35.05 -2.81 0.61
CA VAL B 321 34.61 -1.60 1.27
C VAL B 321 35.85 -0.90 1.79
N GLU B 322 36.14 0.29 1.27
CA GLU B 322 37.31 1.06 1.67
C GLU B 322 36.93 2.49 2.02
N GLU B 323 37.88 3.25 2.55
CA GLU B 323 37.60 4.64 2.92
C GLU B 323 37.61 5.55 1.70
N GLY B 324 36.71 6.52 1.72
CA GLY B 324 36.55 7.45 0.62
C GLY B 324 35.05 7.53 0.45
N GLU B 325 34.59 7.73 -0.77
CA GLU B 325 33.16 7.81 -1.03
C GLU B 325 32.85 7.54 -2.48
N GLY B 326 31.68 6.99 -2.75
CA GLY B 326 31.29 6.68 -4.11
C GLY B 326 31.46 5.21 -4.46
N VAL B 327 31.19 4.88 -5.71
CA VAL B 327 31.29 3.51 -6.18
C VAL B 327 32.25 3.49 -7.36
N PHE B 328 33.24 2.60 -7.30
CA PHE B 328 34.23 2.48 -8.35
C PHE B 328 34.28 1.10 -8.99
N VAL B 329 34.06 1.07 -10.30
CA VAL B 329 34.10 -0.17 -11.05
C VAL B 329 35.44 -0.21 -11.78
N ASP B 330 36.34 -1.04 -11.26
CA ASP B 330 37.68 -1.17 -11.82
C ASP B 330 38.44 0.14 -11.56
N GLY B 331 38.19 0.73 -10.41
CA GLY B 331 38.85 1.98 -10.05
C GLY B 331 38.49 3.15 -10.95
N LYS B 332 37.23 3.21 -11.38
CA LYS B 332 36.79 4.27 -12.25
C LYS B 332 35.50 4.95 -11.77
N LYS B 333 35.14 6.04 -12.44
CA LYS B 333 33.94 6.81 -12.13
C LYS B 333 32.66 5.98 -12.21
N VAL B 334 32.06 5.96 -13.40
CA VAL B 334 30.81 5.25 -13.67
C VAL B 334 29.63 6.18 -13.34
N GLU B 335 28.97 6.67 -14.38
CA GLU B 335 27.84 7.60 -14.31
C GLU B 335 27.20 7.83 -12.93
N PRO B 336 26.38 6.89 -12.41
CA PRO B 336 25.96 5.60 -12.97
C PRO B 336 24.60 5.66 -13.67
N LYS B 337 24.21 4.54 -14.27
CA LYS B 337 22.92 4.42 -14.94
C LYS B 337 22.10 3.56 -13.99
N GLY B 338 20.79 3.60 -14.14
CA GLY B 338 19.93 2.82 -13.27
C GLY B 338 18.49 3.02 -13.70
N TRP B 339 17.55 2.79 -12.80
CA TRP B 339 16.16 2.97 -13.17
C TRP B 339 15.69 4.41 -12.97
N LYS B 340 15.42 4.79 -11.72
CA LYS B 340 14.96 6.15 -11.46
C LYS B 340 13.64 6.46 -12.19
N HIS B 341 12.63 6.88 -11.45
CA HIS B 341 11.35 7.20 -12.05
C HIS B 341 11.33 8.66 -12.52
N PHE B 342 12.22 9.47 -11.95
CA PHE B 342 12.29 10.88 -12.32
C PHE B 342 13.74 11.36 -12.54
#